data_6M4U
#
_entry.id   6M4U
#
_cell.length_a   57.034
_cell.length_b   67.419
_cell.length_c   69.793
_cell.angle_alpha   90.00
_cell.angle_beta   107.20
_cell.angle_gamma   90.00
#
_symmetry.space_group_name_H-M   'P 1 21 1'
#
loop_
_entity.id
_entity.type
_entity.pdbx_description
1 polymer 'Peptidyl-prolyl cis-trans isomerase FKBP1A'
2 polymer 'Serine/threonine-protein kinase mTOR'
3 non-polymer 'RAPAMYCIN IMMUNOSUPPRESSANT DRUG'
4 non-polymer 'ZINC ION'
5 non-polymer 'CHLORIDE ION'
6 non-polymer GLYCEROL
7 water water
#
loop_
_entity_poly.entity_id
_entity_poly.type
_entity_poly.pdbx_seq_one_letter_code
_entity_poly.pdbx_strand_id
1 'polypeptide(L)'
;GSMGVQVETISPGDGRTFPKRGQTCVVHYTGMLEDGKKFDSSRDRNKPFKFMLGKQEVIRGWEEGVAQMSVGQRAKLTIS
PDYAYGATGHPGIIPPHATLVFDVELLKLE
;
A,E
2 'polypeptide(L)'
;GSILWHEMWHEGLEEASRLYFGERNVKGMFEVLEPLHAMMERGPQTLKETSFNQAYGRDLMEAQEWCRKYMKSGNVKDLL
QAWDLYYHVFRRISK
;
B,F
#
loop_
_chem_comp.id
_chem_comp.type
_chem_comp.name
_chem_comp.formula
CL non-polymer 'CHLORIDE ION' 'Cl -1'
GOL non-polymer GLYCEROL 'C3 H8 O3'
RAP non-polymer 'RAPAMYCIN IMMUNOSUPPRESSANT DRUG' 'C51 H79 N O13'
ZN non-polymer 'ZINC ION' 'Zn 2'
#
# COMPACT_ATOMS: atom_id res chain seq x y z
N MET A 3 -0.49 -32.26 5.43
CA MET A 3 -1.86 -32.07 4.86
C MET A 3 -1.75 -31.27 3.54
N GLY A 4 -2.37 -30.08 3.49
CA GLY A 4 -2.33 -29.18 2.32
C GLY A 4 -0.94 -28.61 2.08
N VAL A 5 -0.25 -28.17 3.14
CA VAL A 5 1.12 -27.61 3.06
C VAL A 5 1.98 -28.24 4.15
N GLN A 6 3.14 -28.80 3.76
CA GLN A 6 4.19 -29.32 4.67
C GLN A 6 5.36 -28.32 4.68
N VAL A 7 5.84 -27.94 5.87
CA VAL A 7 6.99 -27.03 6.08
C VAL A 7 8.17 -27.83 6.65
N GLU A 8 9.29 -27.86 5.92
CA GLU A 8 10.55 -28.52 6.34
C GLU A 8 11.66 -27.45 6.36
N THR A 9 12.23 -27.18 7.54
CA THR A 9 13.27 -26.13 7.74
C THR A 9 14.55 -26.53 6.99
N ILE A 10 15.10 -25.61 6.20
CA ILE A 10 16.43 -25.74 5.54
C ILE A 10 17.47 -25.12 6.48
N SER A 11 17.18 -23.92 7.01
CA SER A 11 18.00 -23.24 8.05
C SER A 11 17.08 -22.47 8.99
N PRO A 12 17.36 -22.45 10.31
CA PRO A 12 16.42 -21.91 11.31
C PRO A 12 16.32 -20.39 11.37
N GLY A 13 15.13 -19.88 11.74
CA GLY A 13 14.91 -18.49 12.17
C GLY A 13 15.16 -18.35 13.66
N ASP A 14 14.61 -17.30 14.28
CA ASP A 14 14.73 -17.03 15.75
C ASP A 14 13.66 -17.82 16.52
N GLY A 15 12.74 -18.49 15.82
CA GLY A 15 11.64 -19.29 16.41
C GLY A 15 10.73 -18.48 17.32
N ARG A 16 10.66 -17.16 17.14
CA ARG A 16 9.87 -16.24 18.01
C ARG A 16 9.16 -15.14 17.20
N THR A 17 9.79 -14.62 16.14
CA THR A 17 9.23 -13.53 15.29
C THR A 17 8.43 -14.17 14.15
N PHE A 18 7.17 -14.50 14.41
CA PHE A 18 6.19 -15.05 13.43
C PHE A 18 5.34 -13.90 12.88
N PRO A 19 4.91 -13.94 11.60
CA PRO A 19 4.12 -12.86 11.02
C PRO A 19 2.75 -12.68 11.72
N LYS A 20 2.40 -11.43 12.05
CA LYS A 20 1.10 -11.04 12.62
C LYS A 20 0.15 -10.60 11.50
N ARG A 21 -1.06 -10.14 11.85
CA ARG A 21 -2.04 -9.53 10.92
C ARG A 21 -1.61 -8.08 10.62
N GLY A 22 -1.77 -7.66 9.37
CA GLY A 22 -1.38 -6.31 8.89
C GLY A 22 0.12 -6.15 8.74
N GLN A 23 0.89 -7.22 8.97
CA GLN A 23 2.36 -7.24 8.78
C GLN A 23 2.68 -7.70 7.36
N THR A 24 3.61 -7.00 6.70
CA THR A 24 4.18 -7.36 5.38
C THR A 24 5.35 -8.34 5.59
N CYS A 25 5.24 -9.54 5.02
CA CYS A 25 6.34 -10.52 4.91
C CYS A 25 7.22 -10.14 3.72
N VAL A 26 8.54 -10.06 3.93
CA VAL A 26 9.55 -9.90 2.85
C VAL A 26 10.29 -11.24 2.73
N VAL A 27 10.20 -11.87 1.56
CA VAL A 27 10.77 -13.22 1.30
C VAL A 27 11.52 -13.23 -0.02
N HIS A 28 12.52 -14.10 -0.12
CA HIS A 28 13.04 -14.68 -1.39
C HIS A 28 12.44 -16.08 -1.56
N TYR A 29 11.95 -16.40 -2.75
CA TYR A 29 11.35 -17.72 -3.05
C TYR A 29 11.91 -18.27 -4.37
N THR A 30 11.90 -19.59 -4.49
CA THR A 30 12.06 -20.36 -5.74
C THR A 30 10.88 -21.34 -5.84
N GLY A 31 10.08 -21.23 -6.89
CA GLY A 31 8.92 -22.12 -7.14
C GLY A 31 9.29 -23.20 -8.14
N MET A 32 9.08 -24.46 -7.78
CA MET A 32 9.36 -25.66 -8.62
C MET A 32 8.14 -26.58 -8.62
N LEU A 33 7.94 -27.32 -9.71
CA LEU A 33 7.02 -28.49 -9.75
C LEU A 33 7.65 -29.62 -8.93
N GLU A 34 6.82 -30.60 -8.54
CA GLU A 34 7.23 -31.74 -7.66
C GLU A 34 8.45 -32.45 -8.24
N ASP A 35 8.52 -32.61 -9.57
CA ASP A 35 9.66 -33.25 -10.27
C ASP A 35 10.95 -32.43 -10.02
N GLY A 36 10.80 -31.11 -9.82
CA GLY A 36 11.89 -30.19 -9.45
C GLY A 36 12.18 -29.16 -10.54
N LYS A 37 11.28 -29.00 -11.52
CA LYS A 37 11.42 -28.01 -12.62
C LYS A 37 11.01 -26.62 -12.13
N LYS A 38 11.94 -25.67 -12.12
CA LYS A 38 11.75 -24.27 -11.67
C LYS A 38 10.81 -23.55 -12.64
N PHE A 39 9.78 -22.88 -12.12
CA PHE A 39 8.83 -22.04 -12.91
C PHE A 39 9.00 -20.56 -12.55
N ASP A 40 9.63 -20.24 -11.42
CA ASP A 40 9.78 -18.83 -10.96
C ASP A 40 10.79 -18.77 -9.81
N SER A 41 11.53 -17.66 -9.73
CA SER A 41 12.39 -17.29 -8.58
C SER A 41 12.52 -15.77 -8.46
N SER A 42 12.27 -15.23 -7.27
CA SER A 42 12.54 -13.81 -6.91
C SER A 42 14.05 -13.54 -6.96
N ARG A 43 14.86 -14.57 -6.66
CA ARG A 43 16.35 -14.50 -6.66
C ARG A 43 16.88 -14.28 -8.09
N ASP A 44 16.10 -14.67 -9.11
CA ASP A 44 16.44 -14.42 -10.54
C ASP A 44 16.34 -12.92 -10.86
N ARG A 45 15.63 -12.16 -10.04
CA ARG A 45 15.37 -10.70 -10.25
C ARG A 45 16.14 -9.86 -9.22
N ASN A 46 16.79 -10.50 -8.24
CA ASN A 46 17.54 -9.84 -7.14
C ASN A 46 16.65 -8.79 -6.45
N LYS A 47 15.34 -9.07 -6.38
CA LYS A 47 14.34 -8.22 -5.70
C LYS A 47 13.47 -9.12 -4.81
N PRO A 48 13.47 -8.93 -3.47
CA PRO A 48 12.61 -9.73 -2.60
C PRO A 48 11.13 -9.50 -2.94
N PHE A 49 10.31 -10.55 -2.76
CA PHE A 49 8.83 -10.52 -2.90
C PHE A 49 8.23 -10.07 -1.56
N LYS A 50 7.36 -9.05 -1.61
CA LYS A 50 6.63 -8.50 -0.43
C LYS A 50 5.13 -8.81 -0.58
N PHE A 51 4.49 -9.27 0.50
CA PHE A 51 3.03 -9.53 0.55
C PHE A 51 2.55 -9.45 2.01
N MET A 52 1.25 -9.26 2.20
CA MET A 52 0.60 -9.21 3.54
C MET A 52 -0.25 -10.46 3.74
N LEU A 53 -0.03 -11.18 4.84
CA LEU A 53 -0.79 -12.40 5.24
C LEU A 53 -2.26 -12.03 5.52
N GLY A 54 -3.18 -12.97 5.30
CA GLY A 54 -4.60 -12.87 5.69
C GLY A 54 -5.44 -12.06 4.70
N LYS A 55 -4.87 -11.68 3.55
CA LYS A 55 -5.53 -10.82 2.53
C LYS A 55 -5.95 -11.65 1.32
N GLN A 56 -5.65 -12.95 1.31
CA GLN A 56 -5.86 -13.87 0.16
C GLN A 56 -5.12 -13.32 -1.07
N GLU A 57 -3.96 -12.70 -0.88
CA GLU A 57 -3.11 -12.17 -1.97
C GLU A 57 -2.37 -13.33 -2.65
N VAL A 58 -2.08 -14.39 -1.91
CA VAL A 58 -1.23 -15.54 -2.35
C VAL A 58 -1.97 -16.85 -2.06
N ILE A 59 -1.54 -17.95 -2.69
CA ILE A 59 -2.17 -19.30 -2.57
C ILE A 59 -2.20 -19.74 -1.10
N ARG A 60 -3.13 -20.63 -0.77
CA ARG A 60 -3.47 -21.04 0.63
C ARG A 60 -2.23 -21.63 1.30
N GLY A 61 -1.42 -22.40 0.56
CA GLY A 61 -0.18 -23.02 1.06
C GLY A 61 0.81 -22.00 1.58
N TRP A 62 0.95 -20.85 0.90
CA TRP A 62 1.81 -19.72 1.33
C TRP A 62 1.19 -19.08 2.59
N GLU A 63 -0.12 -18.84 2.55
CA GLU A 63 -0.89 -18.20 3.64
C GLU A 63 -0.65 -18.97 4.94
N GLU A 64 -0.74 -20.30 4.89
CA GLU A 64 -0.61 -21.20 6.08
C GLU A 64 0.85 -21.59 6.29
N GLY A 65 1.63 -21.70 5.22
CA GLY A 65 3.06 -22.10 5.26
C GLY A 65 3.93 -21.00 5.86
N VAL A 66 3.87 -19.79 5.27
CA VAL A 66 4.73 -18.65 5.66
C VAL A 66 4.36 -18.17 7.07
N ALA A 67 3.07 -18.26 7.44
CA ALA A 67 2.55 -17.89 8.79
C ALA A 67 3.25 -18.72 9.88
N GLN A 68 3.71 -19.93 9.56
CA GLN A 68 4.39 -20.86 10.51
C GLN A 68 5.88 -20.54 10.63
N MET A 69 6.43 -19.70 9.74
CA MET A 69 7.89 -19.43 9.67
C MET A 69 8.25 -18.23 10.54
N SER A 70 9.46 -18.24 11.11
CA SER A 70 10.04 -17.12 11.91
C SER A 70 11.08 -16.38 11.08
N VAL A 71 11.37 -15.11 11.42
CA VAL A 71 12.32 -14.26 10.65
C VAL A 71 13.69 -14.93 10.70
N GLY A 72 14.37 -15.00 9.55
CA GLY A 72 15.67 -15.66 9.37
C GLY A 72 15.52 -17.09 8.87
N GLN A 73 14.33 -17.69 9.00
CA GLN A 73 14.09 -19.09 8.61
C GLN A 73 14.04 -19.21 7.08
N ARG A 74 14.76 -20.20 6.54
CA ARG A 74 14.61 -20.70 5.16
C ARG A 74 13.94 -22.07 5.24
N ALA A 75 12.80 -22.25 4.55
CA ALA A 75 11.98 -23.48 4.63
C ALA A 75 11.56 -23.93 3.23
N LYS A 76 11.40 -25.24 3.06
CA LYS A 76 10.81 -25.89 1.87
C LYS A 76 9.32 -26.11 2.15
N LEU A 77 8.45 -25.50 1.34
CA LEU A 77 6.98 -25.70 1.39
C LEU A 77 6.56 -26.67 0.28
N THR A 78 6.06 -27.84 0.65
CA THR A 78 5.39 -28.80 -0.28
C THR A 78 3.88 -28.55 -0.18
N ILE A 79 3.29 -28.02 -1.25
CA ILE A 79 1.88 -27.54 -1.31
C ILE A 79 1.10 -28.45 -2.27
N SER A 80 0.09 -29.14 -1.74
CA SER A 80 -0.82 -30.02 -2.52
C SER A 80 -1.69 -29.16 -3.43
N PRO A 81 -2.23 -29.73 -4.54
CA PRO A 81 -3.02 -28.96 -5.50
C PRO A 81 -4.11 -28.08 -4.89
N ASP A 82 -4.87 -28.61 -3.92
CA ASP A 82 -6.04 -27.94 -3.29
C ASP A 82 -5.60 -26.68 -2.53
N TYR A 83 -4.32 -26.59 -2.14
CA TYR A 83 -3.73 -25.41 -1.44
C TYR A 83 -2.90 -24.57 -2.42
N ALA A 84 -2.95 -24.91 -3.71
CA ALA A 84 -2.18 -24.25 -4.80
C ALA A 84 -3.15 -23.80 -5.89
N TYR A 85 -3.05 -24.36 -7.10
CA TYR A 85 -3.86 -23.94 -8.27
C TYR A 85 -4.85 -25.06 -8.66
N GLY A 86 -4.96 -26.11 -7.83
CA GLY A 86 -6.02 -27.12 -7.88
C GLY A 86 -6.08 -27.88 -9.20
N ALA A 87 -7.28 -28.32 -9.60
CA ALA A 87 -7.53 -29.09 -10.85
C ALA A 87 -7.29 -28.21 -12.08
N THR A 88 -7.60 -26.92 -12.00
CA THR A 88 -7.47 -25.96 -13.14
C THR A 88 -5.99 -25.71 -13.45
N GLY A 89 -5.17 -25.49 -12.42
CA GLY A 89 -3.80 -24.98 -12.57
C GLY A 89 -3.81 -23.60 -13.22
N HIS A 90 -2.82 -23.32 -14.05
CA HIS A 90 -2.67 -22.05 -14.83
C HIS A 90 -2.12 -22.37 -16.21
N PRO A 91 -2.95 -22.27 -17.27
CA PRO A 91 -2.56 -22.67 -18.62
C PRO A 91 -1.20 -22.08 -19.04
N GLY A 92 -0.23 -22.96 -19.33
CA GLY A 92 1.11 -22.59 -19.83
C GLY A 92 2.10 -22.32 -18.71
N ILE A 93 1.67 -22.39 -17.45
CA ILE A 93 2.53 -22.11 -16.25
C ILE A 93 2.50 -23.34 -15.33
N ILE A 94 1.35 -23.60 -14.70
CA ILE A 94 1.17 -24.66 -13.68
C ILE A 94 0.24 -25.72 -14.24
N PRO A 95 0.68 -27.00 -14.35
CA PRO A 95 -0.19 -28.06 -14.84
C PRO A 95 -1.35 -28.34 -13.89
N PRO A 96 -2.47 -28.93 -14.37
CA PRO A 96 -3.53 -29.38 -13.48
C PRO A 96 -3.03 -30.36 -12.41
N HIS A 97 -3.63 -30.32 -11.21
CA HIS A 97 -3.39 -31.26 -10.08
C HIS A 97 -1.92 -31.24 -9.64
N ALA A 98 -1.24 -30.09 -9.75
CA ALA A 98 0.21 -29.96 -9.49
C ALA A 98 0.48 -29.71 -7.99
N THR A 99 1.26 -30.60 -7.37
CA THR A 99 1.97 -30.35 -6.09
C THR A 99 3.14 -29.41 -6.40
N LEU A 100 3.24 -28.29 -5.68
CA LEU A 100 4.30 -27.27 -5.85
C LEU A 100 5.26 -27.34 -4.66
N VAL A 101 6.55 -27.16 -4.94
CA VAL A 101 7.63 -27.05 -3.91
C VAL A 101 8.20 -25.63 -4.01
N PHE A 102 8.11 -24.86 -2.92
CA PHE A 102 8.69 -23.51 -2.79
C PHE A 102 9.83 -23.56 -1.77
N ASP A 103 11.02 -23.13 -2.18
CA ASP A 103 12.14 -22.76 -1.28
C ASP A 103 11.89 -21.31 -0.86
N VAL A 104 11.46 -21.09 0.38
CA VAL A 104 11.06 -19.76 0.91
C VAL A 104 12.04 -19.36 2.02
N GLU A 105 12.60 -18.14 1.92
CA GLU A 105 13.38 -17.50 3.00
C GLU A 105 12.62 -16.25 3.47
N LEU A 106 12.17 -16.23 4.72
CA LEU A 106 11.54 -15.04 5.36
C LEU A 106 12.66 -14.11 5.84
N LEU A 107 12.94 -13.06 5.05
CA LEU A 107 14.09 -12.14 5.25
C LEU A 107 13.78 -11.19 6.43
N LYS A 108 12.56 -10.65 6.47
CA LYS A 108 12.11 -9.71 7.54
C LYS A 108 10.61 -9.48 7.43
N LEU A 109 10.05 -8.79 8.44
CA LEU A 109 8.64 -8.36 8.52
C LEU A 109 8.58 -6.83 8.60
N GLU A 110 7.56 -6.22 8.00
CA GLU A 110 7.38 -4.74 7.93
C GLU A 110 5.92 -4.40 8.26
N ILE B 3 -12.02 12.16 -11.90
CA ILE B 3 -11.38 11.03 -11.15
C ILE B 3 -9.91 10.93 -11.56
N LEU B 4 -9.02 10.69 -10.58
CA LEU B 4 -7.55 10.72 -10.76
C LEU B 4 -7.10 9.44 -11.48
N TRP B 5 -6.20 9.60 -12.46
CA TRP B 5 -5.64 8.52 -13.30
C TRP B 5 -5.06 7.38 -12.43
N HIS B 6 -4.46 7.72 -11.29
CA HIS B 6 -3.81 6.71 -10.40
C HIS B 6 -4.86 5.82 -9.76
N GLU B 7 -6.04 6.37 -9.42
CA GLU B 7 -7.17 5.60 -8.83
C GLU B 7 -7.81 4.71 -9.90
N MET B 8 -7.96 5.21 -11.13
CA MET B 8 -8.52 4.43 -12.26
C MET B 8 -7.58 3.26 -12.58
N TRP B 9 -6.26 3.53 -12.61
CA TRP B 9 -5.23 2.49 -12.86
C TRP B 9 -5.16 1.52 -11.68
N HIS B 10 -5.22 2.01 -10.43
CA HIS B 10 -5.25 1.15 -9.22
C HIS B 10 -6.39 0.13 -9.35
N GLU B 11 -7.62 0.62 -9.56
CA GLU B 11 -8.86 -0.19 -9.59
C GLU B 11 -8.83 -1.15 -10.79
N GLY B 12 -8.37 -0.66 -11.95
CA GLY B 12 -8.32 -1.43 -13.21
C GLY B 12 -7.30 -2.56 -13.17
N LEU B 13 -6.09 -2.27 -12.67
CA LEU B 13 -5.01 -3.28 -12.57
C LEU B 13 -5.41 -4.35 -11.55
N GLU B 14 -5.98 -3.93 -10.42
CA GLU B 14 -6.48 -4.85 -9.35
C GLU B 14 -7.54 -5.78 -9.94
N GLU B 15 -8.56 -5.23 -10.62
CA GLU B 15 -9.68 -6.01 -11.20
C GLU B 15 -9.16 -6.94 -12.29
N ALA B 16 -8.31 -6.41 -13.19
CA ALA B 16 -7.71 -7.17 -14.31
C ALA B 16 -6.95 -8.39 -13.77
N SER B 17 -6.16 -8.20 -12.71
CA SER B 17 -5.33 -9.26 -12.07
C SER B 17 -6.25 -10.33 -11.46
N ARG B 18 -7.38 -9.90 -10.89
CA ARG B 18 -8.41 -10.79 -10.29
C ARG B 18 -9.02 -11.65 -11.42
N LEU B 19 -9.31 -11.04 -12.56
CA LEU B 19 -9.93 -11.74 -13.73
C LEU B 19 -8.94 -12.77 -14.29
N TYR B 20 -7.66 -12.40 -14.48
CA TYR B 20 -6.65 -13.31 -15.08
C TYR B 20 -6.19 -14.36 -14.06
N PHE B 21 -5.60 -13.93 -12.94
CA PHE B 21 -4.94 -14.83 -11.95
C PHE B 21 -5.99 -15.58 -11.12
N GLY B 22 -7.11 -14.91 -10.79
CA GLY B 22 -8.20 -15.51 -10.01
C GLY B 22 -9.06 -16.45 -10.85
N GLU B 23 -9.52 -16.00 -12.02
CA GLU B 23 -10.62 -16.66 -12.80
C GLU B 23 -10.13 -17.16 -14.16
N ARG B 24 -8.81 -17.15 -14.42
CA ARG B 24 -8.21 -17.68 -15.69
C ARG B 24 -8.98 -17.10 -16.88
N ASN B 25 -9.22 -15.78 -16.88
CA ASN B 25 -10.06 -15.07 -17.86
C ASN B 25 -9.24 -13.94 -18.51
N VAL B 26 -8.47 -14.28 -19.55
CA VAL B 26 -7.56 -13.36 -20.28
C VAL B 26 -8.39 -12.30 -21.02
N LYS B 27 -9.50 -12.70 -21.64
CA LYS B 27 -10.41 -11.79 -22.39
C LYS B 27 -10.96 -10.72 -21.44
N GLY B 28 -11.47 -11.14 -20.28
CA GLY B 28 -11.98 -10.26 -19.22
C GLY B 28 -10.93 -9.28 -18.74
N MET B 29 -9.70 -9.77 -18.53
CA MET B 29 -8.52 -8.96 -18.14
C MET B 29 -8.32 -7.85 -19.19
N PHE B 30 -8.24 -8.22 -20.46
CA PHE B 30 -8.03 -7.30 -21.61
C PHE B 30 -9.19 -6.29 -21.69
N GLU B 31 -10.41 -6.72 -21.35
CA GLU B 31 -11.62 -5.84 -21.34
C GLU B 31 -11.40 -4.67 -20.38
N VAL B 32 -10.75 -4.91 -19.23
CA VAL B 32 -10.53 -3.87 -18.16
C VAL B 32 -9.38 -2.95 -18.57
N LEU B 33 -8.32 -3.49 -19.18
CA LEU B 33 -7.05 -2.75 -19.48
C LEU B 33 -7.21 -1.83 -20.69
N GLU B 34 -7.95 -2.26 -21.71
CA GLU B 34 -8.03 -1.55 -23.04
C GLU B 34 -8.49 -0.11 -22.85
N PRO B 35 -9.60 0.15 -22.12
CA PRO B 35 -10.11 1.51 -21.93
C PRO B 35 -9.11 2.45 -21.23
N LEU B 36 -8.35 1.93 -20.26
CA LEU B 36 -7.33 2.69 -19.50
C LEU B 36 -6.17 3.07 -20.41
N HIS B 37 -5.70 2.13 -21.24
CA HIS B 37 -4.64 2.36 -22.27
C HIS B 37 -5.12 3.37 -23.31
N ALA B 38 -6.41 3.30 -23.68
CA ALA B 38 -7.07 4.23 -24.64
C ALA B 38 -7.11 5.63 -24.03
N MET B 39 -7.47 5.73 -22.74
CA MET B 39 -7.51 6.99 -21.95
C MET B 39 -6.14 7.67 -21.97
N MET B 40 -5.07 6.89 -21.79
CA MET B 40 -3.65 7.35 -21.87
C MET B 40 -3.37 7.88 -23.28
N GLU B 41 -3.85 7.17 -24.30
CA GLU B 41 -3.59 7.45 -25.74
C GLU B 41 -4.23 8.79 -26.13
N ARG B 42 -5.39 9.13 -25.54
CA ARG B 42 -6.10 10.42 -25.76
C ARG B 42 -5.25 11.58 -25.21
N GLY B 43 -4.39 11.29 -24.21
CA GLY B 43 -3.39 12.23 -23.67
C GLY B 43 -3.89 12.91 -22.39
N PRO B 44 -2.98 13.46 -21.56
CA PRO B 44 -3.36 14.08 -20.30
C PRO B 44 -4.01 15.46 -20.49
N GLN B 45 -5.04 15.76 -19.67
CA GLN B 45 -5.79 17.04 -19.71
C GLN B 45 -5.34 17.92 -18.54
N THR B 46 -5.51 17.46 -17.29
CA THR B 46 -5.17 18.22 -16.05
C THR B 46 -3.65 18.17 -15.82
N LEU B 47 -3.15 18.96 -14.87
CA LEU B 47 -1.72 18.97 -14.46
C LEU B 47 -1.39 17.63 -13.79
N LYS B 48 -2.34 17.07 -13.02
CA LYS B 48 -2.20 15.79 -12.28
C LYS B 48 -2.13 14.63 -13.28
N GLU B 49 -2.94 14.69 -14.35
CA GLU B 49 -2.94 13.69 -15.45
C GLU B 49 -1.61 13.77 -16.22
N THR B 50 -1.14 14.99 -16.52
CA THR B 50 0.18 15.25 -17.14
C THR B 50 1.28 14.69 -16.23
N SER B 51 1.21 15.01 -14.93
CA SER B 51 2.17 14.55 -13.89
C SER B 51 2.22 13.00 -13.87
N PHE B 52 1.07 12.34 -13.90
CA PHE B 52 0.95 10.85 -13.89
C PHE B 52 1.59 10.27 -15.16
N ASN B 53 1.21 10.81 -16.32
CA ASN B 53 1.71 10.36 -17.65
C ASN B 53 3.25 10.41 -17.68
N GLN B 54 3.84 11.46 -17.09
CA GLN B 54 5.32 11.68 -17.05
C GLN B 54 5.97 10.62 -16.17
N ALA B 55 5.36 10.32 -15.01
CA ALA B 55 5.88 9.40 -13.98
C ALA B 55 5.87 7.95 -14.49
N TYR B 56 4.74 7.47 -15.01
CA TYR B 56 4.51 6.02 -15.26
C TYR B 56 4.09 5.74 -16.72
N GLY B 57 4.14 6.74 -17.60
CA GLY B 57 3.80 6.59 -19.02
C GLY B 57 4.61 5.47 -19.66
N ARG B 58 5.93 5.53 -19.50
CA ARG B 58 6.89 4.56 -20.09
C ARG B 58 6.56 3.14 -19.61
N ASP B 59 6.39 2.94 -18.31
CA ASP B 59 6.12 1.61 -17.69
C ASP B 59 4.82 1.04 -18.26
N LEU B 60 3.77 1.86 -18.37
CA LEU B 60 2.44 1.41 -18.86
C LEU B 60 2.52 1.08 -20.35
N MET B 61 3.30 1.82 -21.12
CA MET B 61 3.51 1.58 -22.58
C MET B 61 4.21 0.24 -22.80
N GLU B 62 5.23 -0.10 -21.99
CA GLU B 62 5.99 -1.37 -22.13
C GLU B 62 5.10 -2.55 -21.72
N ALA B 63 4.22 -2.37 -20.74
CA ALA B 63 3.25 -3.40 -20.29
C ALA B 63 2.27 -3.71 -21.42
N GLN B 64 1.77 -2.68 -22.11
CA GLN B 64 0.85 -2.82 -23.28
C GLN B 64 1.57 -3.55 -24.41
N GLU B 65 2.82 -3.17 -24.69
CA GLU B 65 3.66 -3.79 -25.75
C GLU B 65 3.73 -5.31 -25.52
N TRP B 66 3.98 -5.75 -24.28
CA TRP B 66 4.06 -7.18 -23.89
C TRP B 66 2.71 -7.86 -24.11
N CYS B 67 1.60 -7.15 -23.82
CA CYS B 67 0.22 -7.64 -24.08
C CYS B 67 0.01 -7.88 -25.58
N ARG B 68 0.47 -6.94 -26.41
CA ARG B 68 0.37 -7.03 -27.90
C ARG B 68 1.22 -8.21 -28.39
N LYS B 69 2.43 -8.36 -27.85
CA LYS B 69 3.34 -9.50 -28.16
C LYS B 69 2.65 -10.82 -27.81
N TYR B 70 1.94 -10.89 -26.67
CA TYR B 70 1.19 -12.09 -26.20
C TYR B 70 0.06 -12.41 -27.18
N MET B 71 -0.67 -11.39 -27.65
CA MET B 71 -1.83 -11.54 -28.56
C MET B 71 -1.39 -12.20 -29.88
N LYS B 72 -0.14 -11.95 -30.31
CA LYS B 72 0.47 -12.59 -31.51
C LYS B 72 1.00 -13.99 -31.15
N SER B 73 1.85 -14.08 -30.12
CA SER B 73 2.60 -15.30 -29.72
C SER B 73 1.66 -16.35 -29.12
N GLY B 74 0.72 -15.94 -28.28
CA GLY B 74 -0.07 -16.83 -27.41
C GLY B 74 0.80 -17.45 -26.31
N ASN B 75 2.00 -16.90 -26.12
CA ASN B 75 3.02 -17.37 -25.14
C ASN B 75 2.80 -16.64 -23.81
N VAL B 76 2.32 -17.37 -22.79
CA VAL B 76 1.97 -16.84 -21.44
C VAL B 76 3.16 -16.08 -20.85
N LYS B 77 4.40 -16.46 -21.19
CA LYS B 77 5.64 -15.78 -20.75
C LYS B 77 5.58 -14.28 -21.07
N ASP B 78 5.05 -13.93 -22.25
CA ASP B 78 4.87 -12.52 -22.70
C ASP B 78 3.85 -11.81 -21.80
N LEU B 79 2.77 -12.51 -21.42
CA LEU B 79 1.70 -11.96 -20.56
C LEU B 79 2.22 -11.74 -19.14
N LEU B 80 3.08 -12.64 -18.66
CA LEU B 80 3.68 -12.54 -17.30
C LEU B 80 4.68 -11.37 -17.25
N GLN B 81 5.38 -11.10 -18.36
CA GLN B 81 6.26 -9.91 -18.51
C GLN B 81 5.42 -8.63 -18.33
N ALA B 82 4.24 -8.58 -18.95
CA ALA B 82 3.30 -7.43 -18.89
C ALA B 82 2.83 -7.21 -17.44
N TRP B 83 2.51 -8.29 -16.74
CA TRP B 83 1.99 -8.22 -15.35
C TRP B 83 3.12 -7.84 -14.38
N ASP B 84 4.36 -8.19 -14.71
CA ASP B 84 5.56 -7.77 -13.94
C ASP B 84 5.63 -6.24 -13.96
N LEU B 85 5.38 -5.63 -15.12
CA LEU B 85 5.36 -4.15 -15.28
C LEU B 85 4.11 -3.56 -14.63
N TYR B 86 2.94 -4.20 -14.79
CA TYR B 86 1.66 -3.72 -14.19
C TYR B 86 1.77 -3.74 -12.66
N TYR B 87 2.34 -4.81 -12.09
CA TYR B 87 2.57 -4.96 -10.63
C TYR B 87 3.48 -3.83 -10.14
N HIS B 88 4.60 -3.63 -10.83
CA HIS B 88 5.59 -2.54 -10.60
C HIS B 88 4.86 -1.18 -10.58
N VAL B 89 4.05 -0.89 -11.60
CA VAL B 89 3.26 0.37 -11.70
C VAL B 89 2.26 0.44 -10.54
N PHE B 90 1.52 -0.64 -10.29
CA PHE B 90 0.49 -0.73 -9.22
C PHE B 90 1.08 -0.30 -7.87
N ARG B 91 2.26 -0.82 -7.53
CA ARG B 91 2.94 -0.55 -6.24
C ARG B 91 3.40 0.91 -6.19
N ARG B 92 3.96 1.42 -7.29
CA ARG B 92 4.45 2.83 -7.40
C ARG B 92 3.32 3.82 -7.22
N ILE B 93 2.17 3.59 -7.89
CA ILE B 93 1.06 4.58 -7.98
C ILE B 93 0.19 4.51 -6.72
N SER B 94 0.14 3.37 -6.04
CA SER B 94 -0.78 3.11 -4.91
C SER B 94 -0.30 3.87 -3.67
N LYS B 95 -1.16 4.75 -3.16
CA LYS B 95 -0.85 5.62 -1.99
C LYS B 95 -0.92 4.77 -0.72
N GLY C 1 20.50 30.58 3.50
CA GLY C 1 20.02 31.81 2.83
C GLY C 1 18.52 31.79 2.55
N SER C 2 17.72 31.30 3.50
CA SER C 2 16.24 31.17 3.44
C SER C 2 15.82 29.91 2.65
N MET C 3 15.23 28.94 3.35
CA MET C 3 14.81 27.63 2.79
C MET C 3 13.34 27.36 3.17
N GLY C 4 12.62 26.65 2.30
CA GLY C 4 11.29 26.11 2.59
C GLY C 4 11.32 25.16 3.77
N VAL C 5 12.34 24.29 3.85
CA VAL C 5 12.63 23.41 5.03
C VAL C 5 14.12 23.51 5.36
N GLN C 6 14.42 23.85 6.63
CA GLN C 6 15.78 23.79 7.21
C GLN C 6 15.89 22.51 8.05
N VAL C 7 16.96 21.73 7.83
CA VAL C 7 17.29 20.51 8.62
C VAL C 7 18.47 20.84 9.53
N GLU C 8 18.31 20.62 10.84
CA GLU C 8 19.37 20.76 11.87
C GLU C 8 19.44 19.45 12.67
N THR C 9 20.54 18.70 12.52
CA THR C 9 20.76 17.40 13.17
C THR C 9 20.76 17.59 14.69
N ILE C 10 20.07 16.70 15.40
CA ILE C 10 20.04 16.60 16.89
C ILE C 10 20.93 15.41 17.29
N SER C 11 20.79 14.29 16.57
CA SER C 11 21.63 13.06 16.69
C SER C 11 21.88 12.50 15.29
N PRO C 12 23.14 12.19 14.92
CA PRO C 12 23.45 11.73 13.57
C PRO C 12 22.93 10.32 13.28
N GLY C 13 22.58 10.05 12.02
CA GLY C 13 22.33 8.70 11.48
C GLY C 13 23.63 8.11 10.96
N ASP C 14 23.56 6.96 10.26
CA ASP C 14 24.73 6.27 9.66
C ASP C 14 25.30 7.14 8.53
N GLY C 15 24.46 7.98 7.92
CA GLY C 15 24.87 8.98 6.91
C GLY C 15 25.18 8.36 5.55
N ARG C 16 24.68 7.15 5.28
CA ARG C 16 24.88 6.44 3.99
C ARG C 16 23.54 5.96 3.43
N THR C 17 22.62 5.49 4.29
CA THR C 17 21.27 4.98 3.90
C THR C 17 20.25 6.12 3.98
N PHE C 18 19.81 6.63 2.81
CA PHE C 18 18.83 7.74 2.68
C PHE C 18 17.56 7.22 2.03
N PRO C 19 16.38 7.84 2.30
CA PRO C 19 15.12 7.40 1.71
C PRO C 19 15.08 7.57 0.19
N LYS C 20 14.56 6.56 -0.52
CA LYS C 20 14.33 6.56 -1.98
C LYS C 20 12.85 6.82 -2.25
N ARG C 21 12.52 7.33 -3.43
CA ARG C 21 11.11 7.56 -3.88
C ARG C 21 10.36 6.22 -3.81
N GLY C 22 9.17 6.23 -3.20
CA GLY C 22 8.29 5.04 -3.08
C GLY C 22 8.56 4.23 -1.82
N GLN C 23 9.69 4.44 -1.15
CA GLN C 23 10.06 3.73 0.11
C GLN C 23 9.14 4.21 1.25
N THR C 24 8.76 3.30 2.14
CA THR C 24 8.00 3.60 3.38
C THR C 24 9.00 4.09 4.44
N CYS C 25 8.80 5.31 4.94
CA CYS C 25 9.60 5.91 6.04
C CYS C 25 8.86 5.69 7.37
N VAL C 26 9.52 5.05 8.34
CA VAL C 26 8.99 4.89 9.74
C VAL C 26 9.72 5.91 10.61
N VAL C 27 8.99 6.86 11.18
CA VAL C 27 9.57 7.98 11.99
C VAL C 27 8.79 8.12 13.29
N HIS C 28 9.43 8.72 14.29
CA HIS C 28 8.79 9.38 15.44
C HIS C 28 8.93 10.89 15.24
N TYR C 29 7.85 11.65 15.43
CA TYR C 29 7.85 13.12 15.25
C TYR C 29 7.09 13.80 16.39
N THR C 30 7.51 15.02 16.68
CA THR C 30 6.78 16.03 17.50
C THR C 30 6.67 17.29 16.64
N GLY C 31 5.44 17.69 16.32
CA GLY C 31 5.14 18.93 15.56
C GLY C 31 4.83 20.06 16.51
N MET C 32 5.46 21.21 16.31
CA MET C 32 5.29 22.44 17.14
C MET C 32 5.09 23.66 16.24
N LEU C 33 4.35 24.65 16.76
CA LEU C 33 4.26 26.01 16.17
C LEU C 33 5.53 26.79 16.55
N GLU C 34 5.76 27.93 15.89
CA GLU C 34 7.01 28.73 16.03
C GLU C 34 7.25 29.08 17.50
N ASP C 35 6.19 29.35 18.27
CA ASP C 35 6.27 29.69 19.72
C ASP C 35 6.72 28.47 20.53
N GLY C 36 6.51 27.26 20.01
CA GLY C 36 6.98 25.99 20.60
C GLY C 36 5.83 25.14 21.15
N LYS C 37 4.58 25.60 20.99
CA LYS C 37 3.35 24.87 21.44
C LYS C 37 3.15 23.63 20.56
N LYS C 38 3.17 22.44 21.17
CA LYS C 38 2.94 21.14 20.50
C LYS C 38 1.52 21.09 19.94
N PHE C 39 1.34 20.53 18.75
CA PHE C 39 0.02 20.28 18.11
C PHE C 39 -0.16 18.79 17.81
N ASP C 40 0.92 18.02 17.65
CA ASP C 40 0.86 16.57 17.32
C ASP C 40 2.19 15.88 17.64
N SER C 41 2.13 14.71 18.26
CA SER C 41 3.33 13.87 18.60
C SER C 41 2.99 12.39 18.51
N SER C 42 3.61 11.68 17.56
CA SER C 42 3.60 10.20 17.45
C SER C 42 4.34 9.61 18.65
N ARG C 43 5.41 10.29 19.09
CA ARG C 43 6.26 9.87 20.24
C ARG C 43 5.39 9.80 21.50
N ASP C 44 4.57 10.83 21.75
CA ASP C 44 3.64 10.90 22.91
C ASP C 44 2.65 9.73 22.86
N ARG C 45 2.22 9.30 21.68
CA ARG C 45 1.28 8.15 21.49
C ARG C 45 2.03 6.81 21.63
N ASN C 46 3.36 6.84 21.58
CA ASN C 46 4.25 5.64 21.65
C ASN C 46 3.90 4.69 20.49
N LYS C 47 3.63 5.26 19.31
CA LYS C 47 3.30 4.51 18.06
C LYS C 47 3.94 5.24 16.88
N PRO C 48 4.99 4.66 16.25
CA PRO C 48 5.62 5.28 15.08
C PRO C 48 4.62 5.63 13.98
N PHE C 49 4.97 6.62 13.16
CA PHE C 49 4.20 7.08 11.97
C PHE C 49 4.88 6.53 10.71
N LYS C 50 4.09 5.90 9.84
CA LYS C 50 4.54 5.37 8.52
C LYS C 50 3.94 6.22 7.40
N PHE C 51 4.77 6.67 6.47
CA PHE C 51 4.35 7.36 5.23
C PHE C 51 5.29 6.92 4.08
N MET C 52 4.79 6.98 2.85
CA MET C 52 5.56 6.67 1.63
C MET C 52 6.02 7.99 0.99
N LEU C 53 7.32 8.10 0.73
CA LEU C 53 7.97 9.29 0.12
C LEU C 53 7.80 9.22 -1.40
N GLY C 54 7.61 10.38 -2.05
CA GLY C 54 7.54 10.53 -3.51
C GLY C 54 6.15 10.25 -4.07
N LYS C 55 5.10 10.31 -3.24
CA LYS C 55 3.69 10.11 -3.68
C LYS C 55 2.82 11.28 -3.19
N GLN C 56 3.45 12.41 -2.84
CA GLN C 56 2.78 13.65 -2.35
C GLN C 56 1.75 13.29 -1.26
N GLU C 57 2.14 12.46 -0.29
CA GLU C 57 1.28 12.07 0.84
C GLU C 57 1.45 13.07 2.00
N VAL C 58 2.59 13.75 2.04
CA VAL C 58 2.99 14.65 3.16
C VAL C 58 3.34 16.04 2.62
N ILE C 59 3.31 17.05 3.49
CA ILE C 59 3.67 18.46 3.17
C ILE C 59 5.09 18.50 2.58
N ARG C 60 5.35 19.52 1.75
CA ARG C 60 6.60 19.65 0.96
C ARG C 60 7.82 19.58 1.90
N GLY C 61 7.73 20.23 3.06
CA GLY C 61 8.81 20.31 4.06
C GLY C 61 9.29 18.94 4.50
N TRP C 62 8.36 18.02 4.75
CA TRP C 62 8.64 16.59 5.07
C TRP C 62 9.25 15.90 3.84
N GLU C 63 8.60 16.04 2.69
CA GLU C 63 9.01 15.42 1.40
C GLU C 63 10.49 15.73 1.15
N GLU C 64 10.87 17.02 1.22
CA GLU C 64 12.25 17.51 0.95
C GLU C 64 13.14 17.28 2.19
N GLY C 65 12.58 17.39 3.38
CA GLY C 65 13.33 17.34 4.66
C GLY C 65 13.75 15.93 5.04
N VAL C 66 12.80 14.99 5.12
CA VAL C 66 13.04 13.57 5.51
C VAL C 66 14.01 12.94 4.50
N ALA C 67 13.88 13.27 3.21
CA ALA C 67 14.73 12.78 2.10
C ALA C 67 16.21 13.08 2.38
N GLN C 68 16.52 14.15 3.11
CA GLN C 68 17.91 14.59 3.43
C GLN C 68 18.48 13.81 4.62
N MET C 69 17.63 13.12 5.39
CA MET C 69 18.02 12.43 6.64
C MET C 69 18.42 10.98 6.33
N SER C 70 19.38 10.43 7.09
CA SER C 70 19.83 9.01 7.00
C SER C 70 19.19 8.24 8.15
N VAL C 71 19.06 6.91 8.00
CA VAL C 71 18.45 6.02 9.03
C VAL C 71 19.18 6.23 10.36
N GLY C 72 18.43 6.40 11.44
CA GLY C 72 18.95 6.64 12.80
C GLY C 72 19.02 8.12 13.14
N GLN C 73 19.03 9.00 12.13
CA GLN C 73 19.21 10.46 12.34
C GLN C 73 17.97 11.04 13.01
N ARG C 74 18.19 11.91 14.00
CA ARG C 74 17.15 12.76 14.62
C ARG C 74 17.52 14.21 14.29
N ALA C 75 16.58 14.98 13.74
CA ALA C 75 16.82 16.36 13.27
C ALA C 75 15.60 17.23 13.57
N LYS C 76 15.85 18.54 13.68
CA LYS C 76 14.81 19.59 13.79
C LYS C 76 14.52 20.11 12.37
N LEU C 77 13.28 19.98 11.91
CA LEU C 77 12.80 20.52 10.61
C LEU C 77 12.02 21.81 10.88
N THR C 78 12.53 22.94 10.39
CA THR C 78 11.84 24.26 10.39
C THR C 78 11.23 24.46 9.01
N ILE C 79 9.90 24.43 8.93
CA ILE C 79 9.16 24.44 7.64
C ILE C 79 8.41 25.77 7.53
N SER C 80 8.61 26.49 6.42
CA SER C 80 7.92 27.76 6.09
C SER C 80 6.46 27.46 5.78
N PRO C 81 5.54 28.45 5.88
CA PRO C 81 4.13 28.23 5.56
C PRO C 81 3.93 27.67 4.14
N ASP C 82 4.71 28.14 3.17
CA ASP C 82 4.66 27.71 1.75
C ASP C 82 4.92 26.20 1.65
N TYR C 83 5.83 25.67 2.47
CA TYR C 83 6.24 24.24 2.48
C TYR C 83 5.40 23.44 3.49
N ALA C 84 4.44 24.11 4.15
CA ALA C 84 3.52 23.53 5.16
C ALA C 84 2.07 23.68 4.68
N TYR C 85 1.20 24.40 5.41
CA TYR C 85 -0.26 24.50 5.15
C TYR C 85 -0.63 25.90 4.68
N GLY C 86 0.36 26.73 4.37
CA GLY C 86 0.22 28.00 3.62
C GLY C 86 -0.67 29.01 4.32
N ALA C 87 -1.38 29.83 3.53
CA ALA C 87 -2.21 30.96 4.00
C ALA C 87 -3.44 30.44 4.76
N THR C 88 -4.03 29.32 4.31
CA THR C 88 -5.29 28.76 4.88
C THR C 88 -5.01 28.05 6.21
N GLY C 89 -3.91 27.29 6.27
CA GLY C 89 -3.58 26.44 7.43
C GLY C 89 -4.55 25.27 7.54
N HIS C 90 -4.91 24.88 8.77
CA HIS C 90 -5.91 23.83 9.08
C HIS C 90 -6.75 24.26 10.27
N PRO C 91 -8.01 24.71 10.07
CA PRO C 91 -8.84 25.23 11.15
C PRO C 91 -8.89 24.28 12.35
N GLY C 92 -8.64 24.82 13.55
CA GLY C 92 -8.72 24.10 14.84
C GLY C 92 -7.41 23.42 15.21
N ILE C 93 -6.41 23.43 14.32
CA ILE C 93 -5.09 22.76 14.53
C ILE C 93 -3.96 23.73 14.16
N ILE C 94 -3.85 24.10 12.89
CA ILE C 94 -2.73 24.92 12.33
C ILE C 94 -3.26 26.30 11.94
N PRO C 95 -2.73 27.39 12.54
CA PRO C 95 -3.13 28.75 12.17
C PRO C 95 -2.69 29.12 10.75
N PRO C 96 -3.28 30.16 10.14
CA PRO C 96 -2.81 30.68 8.85
C PRO C 96 -1.35 31.17 8.92
N HIS C 97 -0.61 31.07 7.82
CA HIS C 97 0.80 31.55 7.65
C HIS C 97 1.68 31.03 8.80
N ALA C 98 1.51 29.77 9.20
CA ALA C 98 2.21 29.17 10.34
C ALA C 98 3.52 28.53 9.87
N THR C 99 4.65 29.05 10.33
CA THR C 99 5.96 28.35 10.33
C THR C 99 5.85 27.18 11.31
N LEU C 100 6.25 25.98 10.89
CA LEU C 100 6.15 24.74 11.71
C LEU C 100 7.55 24.22 12.04
N VAL C 101 7.71 23.69 13.24
CA VAL C 101 8.94 23.01 13.70
C VAL C 101 8.60 21.56 14.03
N PHE C 102 9.28 20.61 13.39
CA PHE C 102 9.13 19.16 13.64
C PHE C 102 10.47 18.61 14.15
N ASP C 103 10.45 18.02 15.33
CA ASP C 103 11.50 17.08 15.82
C ASP C 103 11.20 15.72 15.19
N VAL C 104 12.01 15.30 14.21
CA VAL C 104 11.79 14.04 13.43
C VAL C 104 12.99 13.11 13.66
N GLU C 105 12.72 11.83 13.91
CA GLU C 105 13.73 10.75 13.99
C GLU C 105 13.38 9.67 12.96
N LEU C 106 14.29 9.41 12.01
CA LEU C 106 14.12 8.34 10.99
C LEU C 106 14.51 6.99 11.60
N LEU C 107 13.52 6.21 12.02
CA LEU C 107 13.70 4.94 12.78
C LEU C 107 14.15 3.83 11.82
N LYS C 108 13.52 3.70 10.65
CA LYS C 108 13.83 2.66 9.64
C LYS C 108 13.19 3.00 8.29
N LEU C 109 13.64 2.32 7.24
CA LEU C 109 13.06 2.34 5.88
C LEU C 109 12.48 0.96 5.55
N GLU C 110 11.39 0.92 4.77
CA GLU C 110 10.68 -0.34 4.40
C GLU C 110 10.20 -0.23 2.94
N GLY D 1 -15.39 3.57 -9.94
CA GLY D 1 -16.07 2.96 -8.76
C GLY D 1 -16.06 1.44 -8.81
N SER D 2 -16.44 0.80 -7.71
CA SER D 2 -16.43 -0.67 -7.48
C SER D 2 -17.66 -1.08 -6.67
N ILE D 3 -17.99 -2.38 -6.68
CA ILE D 3 -19.03 -2.98 -5.80
C ILE D 3 -18.38 -3.94 -4.80
N LEU D 4 -17.03 -4.00 -4.78
CA LEU D 4 -16.25 -4.74 -3.74
C LEU D 4 -16.07 -3.82 -2.53
N TRP D 5 -16.48 -4.28 -1.34
CA TRP D 5 -16.49 -3.51 -0.07
C TRP D 5 -15.08 -2.94 0.20
N HIS D 6 -14.03 -3.75 0.06
CA HIS D 6 -12.62 -3.32 0.32
C HIS D 6 -12.22 -2.22 -0.68
N GLU D 7 -12.68 -2.30 -1.93
CA GLU D 7 -12.31 -1.33 -3.00
C GLU D 7 -13.09 -0.03 -2.79
N MET D 8 -14.38 -0.13 -2.42
CA MET D 8 -15.25 1.02 -2.11
C MET D 8 -14.66 1.84 -0.94
N TRP D 9 -14.23 1.16 0.13
CA TRP D 9 -13.63 1.82 1.32
C TRP D 9 -12.30 2.46 0.96
N HIS D 10 -11.45 1.78 0.19
CA HIS D 10 -10.14 2.30 -0.28
C HIS D 10 -10.34 3.64 -0.98
N GLU D 11 -11.21 3.67 -2.01
CA GLU D 11 -11.44 4.87 -2.87
C GLU D 11 -12.16 5.96 -2.07
N GLY D 12 -13.10 5.57 -1.20
CA GLY D 12 -13.87 6.49 -0.35
C GLY D 12 -13.00 7.18 0.68
N LEU D 13 -12.24 6.40 1.46
CA LEU D 13 -11.34 6.93 2.52
C LEU D 13 -10.29 7.84 1.89
N GLU D 14 -9.70 7.42 0.76
CA GLU D 14 -8.66 8.21 0.04
C GLU D 14 -9.26 9.54 -0.43
N GLU D 15 -10.41 9.50 -1.11
CA GLU D 15 -11.11 10.70 -1.64
C GLU D 15 -11.58 11.59 -0.47
N ALA D 16 -12.18 10.99 0.57
CA ALA D 16 -12.67 11.71 1.77
C ALA D 16 -11.50 12.46 2.44
N SER D 17 -10.33 11.82 2.52
CA SER D 17 -9.09 12.41 3.12
C SER D 17 -8.57 13.53 2.22
N ARG D 18 -8.67 13.37 0.90
CA ARG D 18 -8.26 14.40 -0.09
C ARG D 18 -9.14 15.65 0.08
N LEU D 19 -10.45 15.45 0.32
CA LEU D 19 -11.42 16.57 0.46
C LEU D 19 -11.16 17.34 1.76
N TYR D 20 -10.97 16.63 2.88
CA TYR D 20 -10.77 17.27 4.21
C TYR D 20 -9.35 17.84 4.32
N PHE D 21 -8.32 17.03 4.10
CA PHE D 21 -6.90 17.44 4.34
C PHE D 21 -6.39 18.28 3.17
N GLY D 22 -6.82 17.98 1.94
CA GLY D 22 -6.40 18.71 0.73
C GLY D 22 -7.14 20.02 0.56
N GLU D 23 -8.47 19.99 0.59
CA GLU D 23 -9.36 21.12 0.20
C GLU D 23 -10.09 21.70 1.41
N ARG D 24 -9.82 21.20 2.63
CA ARG D 24 -10.43 21.68 3.89
C ARG D 24 -11.96 21.64 3.77
N ASN D 25 -12.50 20.62 3.11
CA ASN D 25 -13.95 20.47 2.81
C ASN D 25 -14.53 19.36 3.70
N VAL D 26 -15.02 19.72 4.89
CA VAL D 26 -15.60 18.80 5.90
C VAL D 26 -16.91 18.21 5.36
N LYS D 27 -17.72 19.04 4.69
CA LYS D 27 -19.03 18.63 4.10
C LYS D 27 -18.80 17.56 3.04
N GLY D 28 -17.88 17.81 2.09
CA GLY D 28 -17.49 16.86 1.04
C GLY D 28 -17.03 15.54 1.62
N MET D 29 -16.13 15.59 2.60
CA MET D 29 -15.60 14.41 3.33
C MET D 29 -16.77 13.56 3.84
N PHE D 30 -17.72 14.18 4.56
CA PHE D 30 -18.89 13.50 5.17
C PHE D 30 -19.82 12.97 4.07
N GLU D 31 -19.93 13.68 2.93
CA GLU D 31 -20.73 13.25 1.75
C GLU D 31 -20.17 11.93 1.19
N VAL D 32 -18.85 11.70 1.30
CA VAL D 32 -18.19 10.45 0.79
C VAL D 32 -18.33 9.34 1.83
N LEU D 33 -18.19 9.68 3.12
CA LEU D 33 -18.11 8.70 4.24
C LEU D 33 -19.51 8.15 4.58
N GLU D 34 -20.52 9.02 4.66
CA GLU D 34 -21.88 8.68 5.17
C GLU D 34 -22.47 7.48 4.42
N PRO D 35 -22.50 7.45 3.06
CA PRO D 35 -23.07 6.32 2.35
C PRO D 35 -22.33 4.99 2.58
N LEU D 36 -21.02 5.03 2.80
CA LEU D 36 -20.19 3.82 3.06
C LEU D 36 -20.59 3.25 4.43
N HIS D 37 -20.68 4.10 5.45
CA HIS D 37 -21.15 3.73 6.81
C HIS D 37 -22.58 3.17 6.72
N ALA D 38 -23.47 3.86 6.00
CA ALA D 38 -24.87 3.44 5.76
C ALA D 38 -24.90 2.05 5.13
N MET D 39 -24.01 1.80 4.16
CA MET D 39 -23.84 0.50 3.45
C MET D 39 -23.51 -0.61 4.46
N MET D 40 -22.66 -0.32 5.46
CA MET D 40 -22.28 -1.29 6.53
C MET D 40 -23.50 -1.60 7.40
N GLU D 41 -24.32 -0.58 7.70
CA GLU D 41 -25.54 -0.70 8.56
C GLU D 41 -26.51 -1.71 7.95
N ARG D 42 -26.71 -1.64 6.63
CA ARG D 42 -27.61 -2.56 5.86
C ARG D 42 -27.06 -3.99 5.98
N GLY D 43 -25.75 -4.16 6.18
CA GLY D 43 -25.10 -5.43 6.53
C GLY D 43 -24.61 -6.18 5.29
N PRO D 44 -23.72 -7.17 5.45
CA PRO D 44 -23.18 -7.93 4.32
C PRO D 44 -24.22 -8.81 3.61
N GLN D 45 -24.10 -8.93 2.29
CA GLN D 45 -25.02 -9.69 1.40
C GLN D 45 -24.27 -10.77 0.61
N THR D 46 -22.93 -10.79 0.69
CA THR D 46 -22.04 -11.80 0.06
C THR D 46 -21.03 -12.29 1.11
N LEU D 47 -20.35 -13.41 0.85
CA LEU D 47 -19.35 -14.02 1.78
C LEU D 47 -18.12 -13.12 1.85
N LYS D 48 -17.75 -12.48 0.74
CA LYS D 48 -16.66 -11.46 0.69
C LYS D 48 -17.03 -10.29 1.62
N GLU D 49 -18.24 -9.76 1.47
CA GLU D 49 -18.78 -8.64 2.29
C GLU D 49 -18.83 -9.07 3.77
N THR D 50 -19.21 -10.32 4.04
CA THR D 50 -19.33 -10.91 5.40
C THR D 50 -17.94 -10.99 6.04
N SER D 51 -16.97 -11.58 5.34
CA SER D 51 -15.55 -11.70 5.74
C SER D 51 -14.99 -10.29 6.06
N PHE D 52 -15.21 -9.33 5.16
CA PHE D 52 -14.76 -7.92 5.29
C PHE D 52 -15.33 -7.31 6.57
N ASN D 53 -16.63 -7.50 6.82
CA ASN D 53 -17.37 -6.92 7.97
C ASN D 53 -16.78 -7.44 9.29
N GLN D 54 -16.46 -8.73 9.35
CA GLN D 54 -15.94 -9.41 10.57
C GLN D 54 -14.50 -8.95 10.87
N ALA D 55 -13.71 -8.65 9.85
CA ALA D 55 -12.28 -8.28 9.96
C ALA D 55 -12.14 -6.78 10.32
N TYR D 56 -12.95 -5.91 9.69
CA TYR D 56 -12.76 -4.42 9.71
C TYR D 56 -13.97 -3.67 10.27
N GLY D 57 -15.13 -4.32 10.42
CA GLY D 57 -16.40 -3.68 10.80
C GLY D 57 -16.30 -2.89 12.10
N ARG D 58 -15.61 -3.45 13.11
CA ARG D 58 -15.41 -2.86 14.45
C ARG D 58 -14.73 -1.49 14.32
N ASP D 59 -13.51 -1.47 13.76
CA ASP D 59 -12.67 -0.25 13.61
C ASP D 59 -13.44 0.84 12.85
N LEU D 60 -14.19 0.48 11.81
CA LEU D 60 -14.97 1.43 10.98
C LEU D 60 -16.11 2.01 11.83
N MET D 61 -16.80 1.18 12.63
CA MET D 61 -17.87 1.63 13.56
C MET D 61 -17.26 2.57 14.62
N GLU D 62 -16.05 2.26 15.12
CA GLU D 62 -15.32 3.11 16.10
C GLU D 62 -15.00 4.46 15.45
N ALA D 63 -14.44 4.46 14.24
CA ALA D 63 -14.16 5.66 13.43
C ALA D 63 -15.44 6.49 13.26
N GLN D 64 -16.56 5.83 12.94
CA GLN D 64 -17.90 6.48 12.75
C GLN D 64 -18.33 7.18 14.04
N GLU D 65 -18.08 6.56 15.20
CA GLU D 65 -18.47 7.11 16.52
C GLU D 65 -17.69 8.42 16.77
N TRP D 66 -16.41 8.47 16.44
CA TRP D 66 -15.56 9.67 16.59
C TRP D 66 -16.07 10.79 15.66
N CYS D 67 -16.58 10.43 14.49
CA CYS D 67 -17.20 11.37 13.51
C CYS D 67 -18.46 12.00 14.10
N ARG D 68 -19.32 11.18 14.74
CA ARG D 68 -20.57 11.65 15.40
C ARG D 68 -20.21 12.63 16.52
N LYS D 69 -19.18 12.31 17.31
CA LYS D 69 -18.69 13.15 18.44
C LYS D 69 -18.27 14.52 17.91
N TYR D 70 -17.59 14.56 16.76
CA TYR D 70 -17.16 15.82 16.08
C TYR D 70 -18.38 16.65 15.69
N MET D 71 -19.40 16.01 15.09
CA MET D 71 -20.64 16.67 14.61
C MET D 71 -21.40 17.32 15.78
N LYS D 72 -21.24 16.80 17.00
CA LYS D 72 -21.93 17.33 18.22
C LYS D 72 -21.01 18.30 18.99
N SER D 73 -19.69 18.11 18.93
CA SER D 73 -18.68 18.87 19.74
C SER D 73 -18.03 19.99 18.92
N GLY D 74 -17.86 19.79 17.60
CA GLY D 74 -17.08 20.70 16.73
C GLY D 74 -15.59 20.64 17.02
N ASN D 75 -15.15 19.67 17.85
CA ASN D 75 -13.74 19.50 18.26
C ASN D 75 -13.00 18.67 17.21
N VAL D 76 -12.18 19.34 16.40
CA VAL D 76 -11.38 18.76 15.27
C VAL D 76 -10.59 17.53 15.76
N LYS D 77 -10.18 17.50 17.05
CA LYS D 77 -9.40 16.39 17.65
C LYS D 77 -10.20 15.09 17.61
N ASP D 78 -11.54 15.17 17.66
CA ASP D 78 -12.45 14.01 17.51
C ASP D 78 -12.36 13.48 16.07
N LEU D 79 -12.31 14.37 15.09
CA LEU D 79 -12.20 14.02 13.64
C LEU D 79 -10.83 13.41 13.37
N LEU D 80 -9.77 13.90 14.03
CA LEU D 80 -8.40 13.36 13.90
C LEU D 80 -8.33 11.96 14.51
N GLN D 81 -9.06 11.69 15.59
CA GLN D 81 -9.17 10.33 16.20
C GLN D 81 -9.75 9.38 15.15
N ALA D 82 -10.83 9.79 14.47
CA ALA D 82 -11.52 9.01 13.42
C ALA D 82 -10.55 8.70 12.28
N TRP D 83 -9.77 9.70 11.86
CA TRP D 83 -8.84 9.58 10.70
C TRP D 83 -7.63 8.71 11.06
N ASP D 84 -7.24 8.67 12.34
CA ASP D 84 -6.24 7.69 12.86
C ASP D 84 -6.76 6.28 12.57
N LEU D 85 -8.03 6.01 12.88
CA LEU D 85 -8.68 4.69 12.66
C LEU D 85 -8.84 4.44 11.16
N TYR D 86 -9.34 5.41 10.39
CA TYR D 86 -9.58 5.28 8.93
C TYR D 86 -8.27 4.94 8.23
N TYR D 87 -7.18 5.64 8.57
CA TYR D 87 -5.82 5.40 7.99
C TYR D 87 -5.37 3.98 8.33
N HIS D 88 -5.63 3.54 9.56
CA HIS D 88 -5.33 2.16 10.07
C HIS D 88 -6.08 1.14 9.22
N VAL D 89 -7.38 1.35 8.98
CA VAL D 89 -8.23 0.46 8.14
C VAL D 89 -7.73 0.50 6.68
N PHE D 90 -7.38 1.68 6.16
CA PHE D 90 -6.93 1.89 4.75
C PHE D 90 -5.69 1.04 4.45
N ARG D 91 -4.72 1.03 5.37
CA ARG D 91 -3.45 0.26 5.22
C ARG D 91 -3.75 -1.24 5.34
N ARG D 92 -4.67 -1.61 6.23
CA ARG D 92 -5.09 -3.02 6.48
C ARG D 92 -5.78 -3.61 5.24
N ILE D 93 -6.70 -2.87 4.62
CA ILE D 93 -7.60 -3.38 3.53
C ILE D 93 -6.92 -3.27 2.15
N SER D 94 -5.98 -2.32 1.98
CA SER D 94 -5.41 -1.94 0.67
C SER D 94 -4.45 -3.02 0.15
N LYS D 95 -4.64 -3.46 -1.09
CA LYS D 95 -3.77 -4.46 -1.78
C LYS D 95 -2.39 -3.84 -2.02
C1 RAP E . 1.11 -16.93 -5.55
O1 RAP E . 1.05 -16.12 -6.62
O2 RAP E . 0.23 -17.04 -4.75
C2 RAP E . 2.42 -17.70 -5.49
C3 RAP E . 3.09 -17.48 -4.14
C4 RAP E . 3.75 -16.08 -4.03
C5 RAP E . 4.72 -15.88 -5.18
C6 RAP E . 4.02 -16.08 -6.52
N7 RAP E . 3.37 -17.39 -6.60
C8 RAP E . 3.59 -18.29 -7.60
O3 RAP E . 2.90 -19.32 -7.71
C9 RAP E . 4.52 -18.04 -8.54
O4 RAP E . 5.69 -18.11 -8.21
C10 RAP E . 4.17 -17.54 -9.94
O5 RAP E . 3.98 -16.13 -9.74
O6 RAP E . 5.26 -17.69 -10.80
C11 RAP E . 2.94 -18.19 -10.57
C12 RAP E . 2.52 -17.42 -11.82
C13 RAP E . 2.33 -15.93 -11.53
C14 RAP E . 3.59 -15.36 -10.90
C15 RAP E . 3.40 -13.95 -10.36
C16 RAP E . 3.16 -12.83 -11.38
O7 RAP E . 4.27 -12.78 -12.26
C17 RAP E . 2.95 -11.51 -10.69
C18 RAP E . 1.78 -10.88 -10.71
C19 RAP E . 1.36 -9.70 -9.99
C20 RAP E . 0.15 -9.03 -10.04
C21 RAP E . -0.25 -7.87 -9.29
C22 RAP E . -1.44 -7.28 -9.38
C23 RAP E . -1.96 -6.15 -8.53
C24 RAP E . -2.96 -6.69 -7.50
C25 RAP E . -2.45 -7.90 -6.71
C26 RAP E . -3.59 -8.53 -5.92
O8 RAP E . -3.94 -8.11 -4.84
C27 RAP E . -4.29 -9.73 -6.55
O9 RAP E . -5.63 -9.86 -6.11
C28 RAP E . -3.56 -11.03 -6.23
O10 RAP E . -3.36 -11.11 -4.84
C29 RAP E . -2.24 -11.19 -6.98
C30 RAP E . -1.08 -11.24 -6.32
C31 RAP E . 0.29 -11.54 -6.88
C32 RAP E . 0.64 -12.99 -6.56
O11 RAP E . 1.24 -13.27 -5.55
C33 RAP E . 0.22 -14.06 -7.54
C34 RAP E . -0.18 -15.36 -6.88
C35 RAP E . -1.11 -16.26 -7.71
C36 RAP E . -2.50 -15.65 -7.93
C37 RAP E . -3.33 -15.31 -6.70
C38 RAP E . -4.72 -14.84 -7.10
C39 RAP E . -5.63 -14.58 -5.91
O12 RAP E . -6.95 -14.28 -6.36
C40 RAP E . -5.70 -15.79 -5.00
O13 RAP E . -6.54 -15.52 -3.88
C41 RAP E . -4.32 -16.18 -4.52
C42 RAP E . -3.41 -16.49 -5.72
C43 RAP E . 3.16 -19.68 -10.87
C44 RAP E . 4.17 -10.98 -9.97
C45 RAP E . -2.60 -5.07 -9.43
C46 RAP E . -1.30 -7.52 -5.77
C47 RAP E . -2.38 -11.28 -8.47
C48 RAP E . 1.32 -10.54 -6.34
C49 RAP E . -0.48 -16.62 -9.05
C50 RAP E . 4.14 -11.79 -13.27
C51 RAP E . -6.53 -8.94 -6.71
C52 RAP E . -7.12 -13.00 -6.94
ZN ZN F . -0.57 -6.22 -0.89
ZN ZN G . 7.22 -2.15 9.89
ZN ZN H . 11.50 -3.03 2.70
CL CL I . 7.29 -4.16 11.42
CL CL J . 13.17 -5.03 1.39
ZN ZN K . -7.72 -1.58 -4.42
ZN ZN L . 9.61 1.67 -13.70
ZN ZN M . -2.52 10.64 -8.76
ZN ZN N . 9.83 -2.55 -25.20
ZN ZN O . 9.11 -2.78 -9.32
CL CL P . -4.06 4.17 -4.77
CL CL Q . -7.28 -1.92 -2.33
C1 RAP R . 1.53 15.94 6.89
O1 RAP R . 0.32 15.45 7.16
O2 RAP R . 1.93 16.14 5.78
C2 RAP R . 2.32 16.28 8.17
C3 RAP R . 3.66 15.53 8.15
C4 RAP R . 3.50 14.04 8.49
C5 RAP R . 2.80 13.89 9.84
C6 RAP R . 1.47 14.62 9.82
N7 RAP R . 1.63 16.03 9.45
C8 RAP R . 1.19 17.07 10.23
O3 RAP R . 1.20 18.23 9.80
C9 RAP R . 0.66 16.86 11.45
O4 RAP R . 1.45 16.60 12.37
C10 RAP R . -0.85 16.78 11.68
O5 RAP R . -1.16 15.46 11.22
O6 RAP R . -1.13 16.82 13.05
C11 RAP R . -1.69 17.83 10.95
C12 RAP R . -3.18 17.45 11.03
C13 RAP R . -3.42 16.04 10.53
C14 RAP R . -2.54 15.05 11.26
C15 RAP R . -2.51 13.65 10.66
C16 RAP R . -3.80 12.83 10.69
O7 RAP R . -4.06 12.45 12.05
C17 RAP R . -3.68 11.60 9.80
C18 RAP R . -4.47 11.39 8.76
C19 RAP R . -4.43 10.28 7.83
C20 RAP R . -5.23 10.01 6.74
C21 RAP R . -5.05 8.96 5.77
C22 RAP R . -5.82 8.76 4.70
C23 RAP R . -5.65 7.72 3.63
C24 RAP R . -5.05 8.36 2.37
C25 RAP R . -3.68 9.01 2.58
C26 RAP R . -3.36 9.93 1.41
O8 RAP R . -2.69 9.56 0.46
C27 RAP R . -3.93 11.35 1.45
O9 RAP R . -4.12 11.90 0.15
C28 RAP R . -2.99 12.31 2.20
O10 RAP R . -1.68 12.18 1.67
C29 RAP R . -3.00 12.08 3.69
C30 RAP R . -1.93 11.62 4.34
C31 RAP R . -1.71 11.53 5.82
C32 RAP R . -0.84 12.70 6.26
O11 RAP R . 0.35 12.55 6.49
C33 RAP R . -1.50 14.05 6.41
C34 RAP R . -0.61 15.22 6.04
C35 RAP R . -1.36 16.54 5.77
C36 RAP R . -2.27 16.49 4.53
C37 RAP R . -1.64 16.15 3.18
C38 RAP R . -2.69 16.24 2.06
C39 RAP R . -2.12 15.97 0.68
O12 RAP R . -3.11 16.21 -0.32
C40 RAP R . -0.93 16.88 0.39
O13 RAP R . -0.37 16.51 -0.87
C41 RAP R . 0.14 16.74 1.47
C42 RAP R . -0.45 17.03 2.85
C43 RAP R . -1.45 19.24 11.49
C44 RAP R . -2.58 10.66 10.24
C45 RAP R . -6.99 7.04 3.34
C46 RAP R . -2.58 7.98 2.77
C47 RAP R . -4.31 12.40 4.37
C48 RAP R . -1.13 10.15 6.18
C49 RAP R . -2.19 16.96 6.98
C50 RAP R . -5.22 11.65 12.20
C51 RAP R . -5.19 11.29 -0.57
C52 RAP R . -4.03 15.14 -0.51
ZN ZN S . -3.85 35.66 5.76
CL CL T . 7.04 -0.29 11.85
CL CL U . 13.94 -1.52 2.93
ZN ZN V . -6.13 4.65 -4.13
ZN ZN W . -14.52 2.03 -11.31
C1 GOL X . -16.47 4.32 20.67
O1 GOL X . -15.18 4.82 21.05
C2 GOL X . -16.59 2.83 20.90
O2 GOL X . -16.42 2.54 22.28
C3 GOL X . -15.61 2.02 20.07
O3 GOL X . -15.63 0.65 20.42
ZN ZN Y . -12.52 -7.45 -1.12
ZN ZN Z . -7.51 -2.54 14.32
ZN ZN AA . -21.72 8.59 9.29
CL CL BA . -14.38 -6.95 0.00
#